data_7D57
#
_entry.id   7D57
#
_cell.length_a   41.798
_cell.length_b   62.964
_cell.length_c   74.138
_cell.angle_alpha   78.980
_cell.angle_beta   89.780
_cell.angle_gamma   89.690
#
_symmetry.space_group_name_H-M   'P 1'
#
loop_
_entity.id
_entity.type
_entity.pdbx_description
1 polymer 'Proto-oncogene tyrosine-protein kinase Src'
2 non-polymer N-(4-{[3-(3,5-dimethoxyphenyl)-7-{[4-(4-methylpiperazin-1-yl)phenyl]amino}-2-oxo-3,4-dihydropyrimido[4,5-d]pyrimidin-1(2H)-yl]methyl}phenyl)propanamide
3 non-polymer 'SULFATE ION'
4 water water
#
_entity_poly.entity_id   1
_entity_poly.type   'polypeptide(L)'
_entity_poly.pdbx_seq_one_letter_code
;GHMQTQGLAKDAWEIPRESLRLEVKLGQGCFGEVWMGTWNGTTRVAIKTLKPGTMSPEAFLQEAQVMKKLRHEKLVQLYA
VVSEEPIYIVTEYMSKGSLLDFLKGEMGKYLRLPQLVDMAAQIASGMAYVERMNYVHRDLRAANILVGENLVCKVADFGL
ARLIEDNEYTARQGAKFPIKWTAPEAALYGRFTIKSDVWSFGILLTELTTKGRVPYPGMVNREVLDQVERGYRMPCPPEC
PESLHDLMCQCWRKDPEERPTFEYLQAFLEDYFTSTEPQYQPGENL
;
_entity_poly.pdbx_strand_id   A,B
#
# COMPACT_ATOMS: atom_id res chain seq x y z
N ASP A 11 41.30 0.10 -12.38
CA ASP A 11 41.86 0.62 -11.14
C ASP A 11 41.52 2.11 -10.96
N ALA A 12 41.10 2.74 -12.06
CA ALA A 12 40.74 4.16 -11.99
C ALA A 12 39.52 4.37 -11.09
N TRP A 13 38.62 3.41 -11.02
CA TRP A 13 37.42 3.53 -10.21
C TRP A 13 37.63 3.11 -8.76
N GLU A 14 38.82 2.62 -8.40
CA GLU A 14 39.06 2.10 -7.06
C GLU A 14 39.36 3.22 -6.08
N ILE A 15 38.73 3.16 -4.91
CA ILE A 15 38.92 4.16 -3.87
C ILE A 15 39.33 3.46 -2.59
N PRO A 16 39.96 4.19 -1.65
CA PRO A 16 40.33 3.58 -0.37
C PRO A 16 39.11 3.31 0.50
N ARG A 17 39.19 2.23 1.28
CA ARG A 17 38.07 1.82 2.12
C ARG A 17 37.74 2.90 3.16
N GLU A 18 38.75 3.63 3.62
CA GLU A 18 38.56 4.66 4.62
C GLU A 18 37.92 5.93 4.06
N SER A 19 37.73 6.02 2.74
CA SER A 19 37.12 7.20 2.15
C SER A 19 35.60 7.15 2.14
N LEU A 20 35.00 6.02 2.52
CA LEU A 20 33.55 5.86 2.58
C LEU A 20 33.09 5.85 4.04
N ARG A 21 32.07 6.65 4.34
CA ARG A 21 31.42 6.58 5.64
C ARG A 21 29.97 6.15 5.43
N LEU A 22 29.61 5.00 6.00
CA LEU A 22 28.27 4.44 5.85
C LEU A 22 27.40 4.99 6.97
N GLU A 23 26.32 5.69 6.61
CA GLU A 23 25.58 6.46 7.60
C GLU A 23 24.18 5.91 7.89
N VAL A 24 23.37 5.64 6.86
CA VAL A 24 21.99 5.24 7.08
C VAL A 24 21.67 4.05 6.19
N LYS A 25 21.17 2.97 6.79
CA LYS A 25 20.60 1.88 6.00
C LYS A 25 19.37 2.36 5.26
N LEU A 26 19.24 1.93 4.00
CA LEU A 26 18.11 2.35 3.19
C LEU A 26 16.99 1.32 3.13
N GLY A 27 17.29 0.06 3.34
CA GLY A 27 16.27 -0.98 3.43
C GLY A 27 16.71 -2.25 2.75
N GLN A 28 15.93 -3.32 2.97
CA GLN A 28 16.21 -4.65 2.41
C GLN A 28 15.21 -4.91 1.28
N GLY A 29 15.55 -4.42 0.10
CA GLY A 29 14.79 -4.67 -1.11
C GLY A 29 15.37 -5.82 -1.91
N CYS A 30 15.30 -5.68 -3.24
CA CYS A 30 15.81 -6.73 -4.12
C CYS A 30 17.33 -6.80 -4.14
N PHE A 31 18.02 -5.83 -3.53
CA PHE A 31 19.48 -5.75 -3.54
C PHE A 31 20.05 -5.81 -2.12
N GLY A 32 19.35 -6.48 -1.20
CA GLY A 32 19.83 -6.56 0.17
C GLY A 32 19.90 -5.19 0.80
N GLU A 33 20.93 -4.99 1.62
CA GLU A 33 21.11 -3.73 2.35
C GLU A 33 21.92 -2.75 1.53
N VAL A 34 21.41 -1.53 1.41
CA VAL A 34 22.12 -0.43 0.77
C VAL A 34 22.17 0.74 1.74
N TRP A 35 23.30 1.42 1.79
CA TRP A 35 23.50 2.54 2.70
C TRP A 35 23.55 3.87 1.96
N MET A 36 23.03 4.90 2.61
CA MET A 36 23.39 6.27 2.29
C MET A 36 24.65 6.62 3.07
N GLY A 37 25.54 7.38 2.44
CA GLY A 37 26.79 7.70 3.09
C GLY A 37 27.50 8.85 2.44
N THR A 38 28.79 8.96 2.75
CA THR A 38 29.64 10.05 2.27
C THR A 38 30.95 9.49 1.73
N TRP A 39 31.41 10.08 0.64
CA TRP A 39 32.65 9.71 -0.02
C TRP A 39 33.61 10.88 0.05
N ASN A 40 34.82 10.63 0.55
CA ASN A 40 35.83 11.66 0.81
C ASN A 40 35.33 12.75 1.75
N GLY A 41 34.36 12.45 2.59
CA GLY A 41 33.86 13.44 3.53
C GLY A 41 33.08 14.58 2.90
N THR A 42 32.94 14.59 1.58
CA THR A 42 32.33 15.71 0.88
C THR A 42 31.13 15.38 0.00
N THR A 43 30.96 14.16 -0.46
CA THR A 43 29.99 13.81 -1.48
C THR A 43 29.04 12.74 -0.94
N ARG A 44 27.75 13.08 -0.87
CA ARG A 44 26.74 12.10 -0.48
C ARG A 44 26.60 11.05 -1.58
N VAL A 45 26.52 9.79 -1.17
CA VAL A 45 26.57 8.67 -2.11
C VAL A 45 25.68 7.56 -1.59
N ALA A 46 25.36 6.62 -2.47
CA ALA A 46 24.78 5.35 -2.08
C ALA A 46 25.88 4.30 -2.08
N ILE A 47 25.90 3.47 -1.04
CA ILE A 47 26.96 2.50 -0.84
C ILE A 47 26.34 1.12 -0.69
N LYS A 48 26.85 0.16 -1.46
CA LYS A 48 26.40 -1.23 -1.37
C LYS A 48 27.61 -2.14 -1.20
N THR A 49 27.53 -3.05 -0.23
CA THR A 49 28.55 -4.07 -0.06
C THR A 49 27.95 -5.45 -0.26
N LEU A 50 28.78 -6.36 -0.73
CA LEU A 50 28.38 -7.73 -1.02
C LEU A 50 28.90 -8.65 0.06
N LYS A 51 28.05 -9.57 0.52
CA LYS A 51 28.45 -10.56 1.51
C LYS A 51 29.58 -11.40 0.95
N PRO A 52 30.72 -11.49 1.64
CA PRO A 52 31.88 -12.20 1.08
C PRO A 52 31.52 -13.61 0.65
N GLY A 53 31.96 -13.99 -0.55
CA GLY A 53 31.69 -15.32 -1.07
C GLY A 53 30.77 -15.34 -2.28
N THR A 54 29.75 -14.48 -2.31
CA THR A 54 28.72 -14.58 -3.34
C THR A 54 29.24 -14.21 -4.73
N MET A 55 30.41 -13.58 -4.84
CA MET A 55 30.96 -13.23 -6.14
C MET A 55 32.47 -13.02 -6.01
N SER A 56 33.22 -13.65 -6.91
CA SER A 56 34.66 -13.49 -6.92
C SER A 56 35.02 -12.07 -7.35
N PRO A 57 36.20 -11.59 -6.98
CA PRO A 57 36.62 -10.26 -7.45
C PRO A 57 36.70 -10.16 -8.96
N GLU A 58 37.07 -11.24 -9.64
CA GLU A 58 37.13 -11.22 -11.10
C GLU A 58 35.72 -11.21 -11.70
N ALA A 59 34.78 -11.94 -11.09
CA ALA A 59 33.42 -11.97 -11.61
C ALA A 59 32.71 -10.64 -11.41
N PHE A 60 33.03 -9.93 -10.34
CA PHE A 60 32.38 -8.65 -10.08
C PHE A 60 32.85 -7.58 -11.06
N LEU A 61 34.17 -7.49 -11.28
CA LEU A 61 34.69 -6.51 -12.23
C LEU A 61 34.23 -6.79 -13.65
N GLN A 62 33.86 -8.04 -13.96
CA GLN A 62 33.23 -8.32 -15.24
C GLN A 62 31.79 -7.83 -15.27
N GLU A 63 31.13 -7.78 -14.10
CA GLU A 63 29.80 -7.19 -14.00
C GLU A 63 29.82 -5.70 -13.75
N ALA A 64 30.96 -5.15 -13.31
CA ALA A 64 31.09 -3.71 -13.15
C ALA A 64 31.35 -3.00 -14.47
N GLN A 65 31.60 -3.74 -15.55
CA GLN A 65 31.82 -3.13 -16.86
C GLN A 65 30.61 -2.33 -17.32
N VAL A 66 29.41 -2.86 -17.07
CA VAL A 66 28.21 -2.15 -17.52
C VAL A 66 28.12 -0.78 -16.87
N MET A 67 28.33 -0.72 -15.55
CA MET A 67 28.21 0.54 -14.83
C MET A 67 29.34 1.52 -15.14
N LYS A 68 30.47 1.01 -15.65
CA LYS A 68 31.61 1.87 -15.95
C LYS A 68 31.56 2.48 -17.34
N LYS A 69 30.82 1.88 -18.28
CA LYS A 69 30.73 2.39 -19.64
C LYS A 69 29.46 3.20 -19.88
N LEU A 70 28.32 2.77 -19.34
CA LEU A 70 27.08 3.49 -19.53
C LEU A 70 27.09 4.77 -18.69
N ARG A 71 26.87 5.91 -19.33
CA ARG A 71 26.85 7.20 -18.65
C ARG A 71 25.77 8.07 -19.26
N HIS A 72 24.78 8.44 -18.45
CA HIS A 72 23.67 9.27 -18.88
C HIS A 72 23.08 9.94 -17.66
N GLU A 73 22.64 11.20 -17.82
CA GLU A 73 22.12 11.96 -16.69
C GLU A 73 20.85 11.35 -16.11
N LYS A 74 20.16 10.46 -16.84
CA LYS A 74 18.96 9.81 -16.36
C LYS A 74 19.21 8.36 -15.96
N LEU A 75 20.47 7.97 -15.82
CA LEU A 75 20.85 6.64 -15.36
C LEU A 75 21.65 6.78 -14.08
N VAL A 76 21.33 5.97 -13.08
CA VAL A 76 22.05 6.03 -11.80
C VAL A 76 23.53 5.85 -12.07
N GLN A 77 24.34 6.82 -11.65
CA GLN A 77 25.74 6.88 -12.02
C GLN A 77 26.61 6.16 -10.99
N LEU A 78 27.44 5.25 -11.47
CA LEU A 78 28.46 4.68 -10.62
C LEU A 78 29.55 5.70 -10.35
N TYR A 79 29.99 5.76 -9.08
CA TYR A 79 31.00 6.70 -8.65
C TYR A 79 32.35 6.06 -8.35
N ALA A 80 32.36 4.83 -7.86
CA ALA A 80 33.60 4.26 -7.34
C ALA A 80 33.31 2.81 -6.92
N VAL A 81 34.40 2.10 -6.64
CA VAL A 81 34.33 0.67 -6.41
C VAL A 81 35.46 0.27 -5.46
N VAL A 82 35.18 -0.73 -4.62
CA VAL A 82 36.19 -1.46 -3.88
C VAL A 82 36.02 -2.91 -4.28
N SER A 83 36.83 -3.38 -5.23
CA SER A 83 36.54 -4.62 -5.94
C SER A 83 37.15 -5.86 -5.29
N GLU A 84 37.84 -5.72 -4.16
CA GLU A 84 38.29 -6.87 -3.40
C GLU A 84 37.36 -7.09 -2.22
N GLU A 85 37.17 -8.36 -1.85
CA GLU A 85 36.22 -8.68 -0.79
C GLU A 85 36.69 -8.09 0.54
N PRO A 86 35.77 -7.56 1.35
CA PRO A 86 34.35 -7.40 1.00
C PRO A 86 34.17 -6.28 -0.01
N ILE A 87 33.48 -6.59 -1.11
CA ILE A 87 33.37 -5.64 -2.20
C ILE A 87 32.42 -4.50 -1.81
N TYR A 88 32.72 -3.30 -2.30
CA TYR A 88 31.86 -2.14 -2.14
C TYR A 88 31.60 -1.50 -3.48
N ILE A 89 30.38 -1.01 -3.68
CA ILE A 89 29.99 -0.25 -4.85
C ILE A 89 29.46 1.10 -4.37
N VAL A 90 29.78 2.15 -5.11
CA VAL A 90 29.41 3.51 -4.73
C VAL A 90 28.76 4.18 -5.93
N THR A 91 27.56 4.72 -5.72
CA THR A 91 26.84 5.42 -6.79
C THR A 91 26.42 6.80 -6.29
N GLU A 92 25.93 7.61 -7.22
CA GLU A 92 25.26 8.84 -6.82
C GLU A 92 24.08 8.51 -5.92
N TYR A 93 23.70 9.47 -5.08
CA TYR A 93 22.62 9.28 -4.12
C TYR A 93 21.36 9.99 -4.60
N MET A 94 20.23 9.28 -4.55
CA MET A 94 18.94 9.83 -4.95
C MET A 94 18.11 10.06 -3.69
N SER A 95 17.82 11.34 -3.40
CA SER A 95 17.40 11.73 -2.07
C SER A 95 15.98 11.27 -1.73
N LYS A 96 15.11 11.09 -2.73
CA LYS A 96 13.70 10.79 -2.47
C LYS A 96 13.37 9.31 -2.52
N GLY A 97 14.35 8.42 -2.70
CA GLY A 97 14.05 7.00 -2.74
C GLY A 97 13.47 6.58 -4.08
N SER A 98 12.77 5.45 -4.07
CA SER A 98 12.23 4.91 -5.30
C SER A 98 10.99 5.69 -5.72
N LEU A 99 10.77 5.72 -7.04
CA LEU A 99 9.57 6.36 -7.57
C LEU A 99 8.31 5.75 -6.97
N LEU A 100 8.35 4.44 -6.69
CA LEU A 100 7.22 3.78 -6.05
C LEU A 100 6.94 4.42 -4.68
N ASP A 101 7.95 4.47 -3.82
CA ASP A 101 7.76 5.09 -2.51
C ASP A 101 7.35 6.55 -2.65
N PHE A 102 7.91 7.23 -3.65
CA PHE A 102 7.61 8.65 -3.85
C PHE A 102 6.13 8.84 -4.16
N LEU A 103 5.58 8.03 -5.08
CA LEU A 103 4.20 8.18 -5.49
C LEU A 103 3.22 7.82 -4.39
N LYS A 104 3.58 6.83 -3.56
CA LYS A 104 2.69 6.37 -2.50
C LYS A 104 2.74 7.28 -1.28
N GLY A 105 3.87 7.94 -1.03
CA GLY A 105 4.08 8.73 0.16
C GLY A 105 3.42 10.11 0.11
N GLU A 106 3.88 10.98 1.01
CA GLU A 106 3.21 12.27 1.21
C GLU A 106 3.24 13.15 -0.04
N MET A 107 4.20 12.95 -0.94
CA MET A 107 4.24 13.73 -2.18
C MET A 107 3.15 13.33 -3.16
N GLY A 108 2.65 12.10 -3.07
CA GLY A 108 1.67 11.64 -4.04
C GLY A 108 0.53 12.61 -4.24
N LYS A 109 -0.07 13.08 -3.14
CA LYS A 109 -1.28 13.90 -3.23
C LYS A 109 -1.04 15.22 -3.97
N TYR A 110 0.22 15.66 -4.07
CA TYR A 110 0.53 16.93 -4.72
C TYR A 110 0.90 16.79 -6.18
N LEU A 111 1.34 15.62 -6.62
CA LEU A 111 1.69 15.41 -8.01
C LEU A 111 0.44 15.40 -8.88
N ARG A 112 0.49 16.12 -9.98
CA ARG A 112 -0.55 16.09 -10.99
C ARG A 112 0.08 15.69 -12.31
N LEU A 113 -0.76 15.58 -13.33
CA LEU A 113 -0.28 15.11 -14.63
C LEU A 113 0.95 15.85 -15.16
N PRO A 114 1.08 17.17 -15.04
CA PRO A 114 2.32 17.81 -15.53
C PRO A 114 3.58 17.26 -14.87
N GLN A 115 3.55 17.04 -13.55
CA GLN A 115 4.70 16.46 -12.87
C GLN A 115 4.91 15.02 -13.29
N LEU A 116 3.84 14.23 -13.32
CA LEU A 116 3.96 12.80 -13.61
C LEU A 116 4.41 12.57 -15.04
N VAL A 117 4.01 13.42 -15.98
CA VAL A 117 4.41 13.25 -17.36
C VAL A 117 5.88 13.62 -17.54
N ASP A 118 6.33 14.68 -16.86
CA ASP A 118 7.74 15.08 -16.93
C ASP A 118 8.64 14.00 -16.36
N MET A 119 8.23 13.37 -15.27
CA MET A 119 8.98 12.24 -14.74
C MET A 119 9.05 11.10 -15.75
N ALA A 120 7.91 10.80 -16.38
CA ALA A 120 7.90 9.76 -17.40
C ALA A 120 8.81 10.12 -18.56
N ALA A 121 8.83 11.40 -18.95
CA ALA A 121 9.71 11.82 -20.04
C ALA A 121 11.17 11.64 -19.65
N GLN A 122 11.50 11.89 -18.40
CA GLN A 122 12.86 11.64 -17.90
C GLN A 122 13.20 10.16 -17.96
N ILE A 123 12.30 9.31 -17.46
CA ILE A 123 12.54 7.87 -17.52
C ILE A 123 12.68 7.42 -18.96
N ALA A 124 11.81 7.92 -19.85
CA ALA A 124 11.93 7.59 -21.26
C ALA A 124 13.26 8.06 -21.84
N SER A 125 13.77 9.19 -21.35
CA SER A 125 15.06 9.69 -21.82
C SER A 125 16.19 8.75 -21.42
N GLY A 126 16.18 8.27 -20.17
CA GLY A 126 17.17 7.29 -19.76
C GLY A 126 17.09 6.03 -20.62
N MET A 127 15.86 5.53 -20.81
CA MET A 127 15.65 4.34 -21.63
C MET A 127 15.97 4.58 -23.10
N ALA A 128 15.77 5.80 -23.60
CA ALA A 128 16.24 6.13 -24.93
C ALA A 128 17.75 6.03 -25.03
N TYR A 129 18.47 6.33 -23.94
CA TYR A 129 19.90 6.11 -23.94
C TYR A 129 20.23 4.62 -23.97
N VAL A 130 19.54 3.83 -23.13
CA VAL A 130 19.69 2.38 -23.16
C VAL A 130 19.38 1.84 -24.55
N GLU A 131 18.33 2.38 -25.17
CA GLU A 131 17.93 1.99 -26.52
C GLU A 131 19.04 2.29 -27.53
N ARG A 132 19.57 3.52 -27.50
CA ARG A 132 20.64 3.90 -28.42
C ARG A 132 21.89 3.03 -28.24
N MET A 133 22.08 2.46 -27.05
CA MET A 133 23.22 1.61 -26.77
C MET A 133 22.94 0.14 -27.01
N ASN A 134 21.74 -0.20 -27.49
CA ASN A 134 21.35 -1.59 -27.75
C ASN A 134 21.49 -2.46 -26.49
N TYR A 135 21.16 -1.88 -25.34
CA TYR A 135 21.03 -2.63 -24.11
C TYR A 135 19.55 -2.91 -23.82
N VAL A 136 19.32 -3.77 -22.85
CA VAL A 136 17.97 -4.10 -22.39
C VAL A 136 17.96 -4.02 -20.87
N HIS A 137 16.93 -3.39 -20.32
CA HIS A 137 16.75 -3.25 -18.88
C HIS A 137 15.54 -4.08 -18.51
N ARG A 138 15.76 -5.35 -18.21
CA ARG A 138 14.66 -6.29 -18.18
C ARG A 138 13.72 -6.11 -16.98
N ASP A 139 13.86 -5.06 -16.17
CA ASP A 139 13.05 -4.88 -14.97
C ASP A 139 12.67 -3.41 -14.77
N LEU A 140 12.08 -2.81 -15.80
CA LEU A 140 11.63 -1.43 -15.74
C LEU A 140 10.29 -1.37 -15.00
N ARG A 141 10.22 -0.56 -13.95
CA ARG A 141 9.03 -0.37 -13.13
C ARG A 141 9.36 0.67 -12.07
N ALA A 142 8.30 1.20 -11.44
CA ALA A 142 8.50 2.32 -10.52
C ALA A 142 9.43 1.97 -9.38
N ALA A 143 9.45 0.70 -8.95
CA ALA A 143 10.36 0.31 -7.87
C ALA A 143 11.82 0.44 -8.26
N ASN A 144 12.13 0.48 -9.56
CA ASN A 144 13.50 0.57 -10.04
C ASN A 144 13.85 1.94 -10.60
N ILE A 145 12.99 2.94 -10.40
CA ILE A 145 13.29 4.33 -10.70
C ILE A 145 13.55 5.04 -9.38
N LEU A 146 14.62 5.83 -9.33
CA LEU A 146 14.95 6.60 -8.14
C LEU A 146 14.70 8.08 -8.40
N VAL A 147 14.23 8.77 -7.37
CA VAL A 147 13.86 10.18 -7.44
C VAL A 147 14.85 10.98 -6.61
N GLY A 148 15.26 12.13 -7.14
CA GLY A 148 16.09 13.05 -6.39
C GLY A 148 15.40 14.39 -6.22
N GLU A 149 16.17 15.43 -5.90
CA GLU A 149 15.60 16.76 -5.76
C GLU A 149 15.06 17.22 -7.11
N ASN A 150 14.18 18.21 -7.05
CA ASN A 150 13.63 18.84 -8.25
C ASN A 150 12.99 17.81 -9.20
N LEU A 151 12.39 16.76 -8.65
CA LEU A 151 11.68 15.72 -9.38
C LEU A 151 12.58 14.94 -10.35
N VAL A 152 13.90 15.00 -10.16
CA VAL A 152 14.80 14.24 -11.02
C VAL A 152 14.56 12.75 -10.83
N CYS A 153 14.38 12.04 -11.93
CA CYS A 153 14.16 10.60 -11.93
C CYS A 153 15.26 9.93 -12.73
N LYS A 154 15.81 8.85 -12.19
CA LYS A 154 16.86 8.12 -12.87
C LYS A 154 16.59 6.62 -12.81
N VAL A 155 16.91 5.95 -13.90
CA VAL A 155 16.75 4.51 -14.00
C VAL A 155 17.88 3.82 -13.26
N ALA A 156 17.54 2.91 -12.35
CA ALA A 156 18.52 2.05 -11.70
C ALA A 156 18.50 0.69 -12.38
N ASP A 157 19.62 -0.03 -12.28
CA ASP A 157 19.78 -1.32 -12.93
C ASP A 157 20.28 -2.31 -11.90
N PHE A 158 19.40 -3.21 -11.45
CA PHE A 158 19.76 -4.22 -10.49
C PHE A 158 20.05 -5.56 -11.14
N GLY A 159 20.58 -5.53 -12.37
CA GLY A 159 21.02 -6.75 -13.02
C GLY A 159 22.06 -7.51 -12.22
N LEU A 160 22.89 -6.79 -11.46
CA LEU A 160 23.87 -7.45 -10.61
C LEU A 160 23.18 -8.19 -9.46
N ALA A 161 22.06 -7.66 -8.97
CA ALA A 161 21.24 -8.40 -8.02
C ALA A 161 20.69 -9.69 -8.62
N ARG A 162 20.69 -9.80 -9.94
CA ARG A 162 20.21 -10.98 -10.67
C ARG A 162 18.74 -11.22 -10.39
N PRO A 178 7.83 -10.35 -11.44
CA PRO A 178 7.43 -9.04 -11.97
C PRO A 178 6.53 -9.24 -13.18
N ILE A 179 5.70 -10.28 -13.07
CA ILE A 179 4.83 -10.69 -14.15
C ILE A 179 3.94 -9.55 -14.61
N LYS A 180 3.46 -8.71 -13.69
CA LYS A 180 2.52 -7.66 -14.06
C LYS A 180 3.16 -6.56 -14.89
N TRP A 181 4.49 -6.45 -14.86
CA TRP A 181 5.22 -5.46 -15.61
C TRP A 181 5.86 -6.01 -16.87
N THR A 182 5.76 -7.31 -17.11
CA THR A 182 6.57 -7.99 -18.11
C THR A 182 5.76 -8.24 -19.37
N ALA A 183 6.36 -7.94 -20.53
CA ALA A 183 5.69 -8.16 -21.79
C ALA A 183 5.41 -9.65 -21.97
N PRO A 184 4.29 -10.01 -22.59
CA PRO A 184 3.94 -11.44 -22.73
C PRO A 184 5.04 -12.29 -23.34
N GLU A 185 5.62 -11.86 -24.46
CA GLU A 185 6.65 -12.66 -25.11
C GLU A 185 7.90 -12.82 -24.24
N ALA A 186 8.15 -11.86 -23.33
CA ALA A 186 9.27 -12.00 -22.42
C ALA A 186 8.95 -12.95 -21.27
N ALA A 187 7.75 -12.82 -20.68
CA ALA A 187 7.38 -13.69 -19.57
C ALA A 187 7.17 -15.13 -20.03
N LEU A 188 6.71 -15.33 -21.26
CA LEU A 188 6.39 -16.67 -21.74
C LEU A 188 7.53 -17.33 -22.50
N TYR A 189 8.31 -16.55 -23.26
CA TYR A 189 9.33 -17.15 -24.12
C TYR A 189 10.72 -16.56 -23.90
N GLY A 190 10.91 -15.74 -22.87
CA GLY A 190 12.21 -15.16 -22.62
C GLY A 190 12.68 -14.20 -23.68
N ARG A 191 11.77 -13.68 -24.51
CA ARG A 191 12.09 -12.70 -25.54
C ARG A 191 12.15 -11.31 -24.90
N PHE A 192 13.23 -11.07 -24.16
CA PHE A 192 13.45 -9.78 -23.52
C PHE A 192 14.19 -8.87 -24.49
N THR A 193 13.53 -7.80 -24.95
CA THR A 193 14.14 -6.81 -25.83
C THR A 193 13.86 -5.42 -25.28
N ILE A 194 14.42 -4.41 -25.94
CA ILE A 194 14.05 -3.05 -25.63
C ILE A 194 12.56 -2.86 -25.87
N LYS A 195 11.96 -3.69 -26.73
CA LYS A 195 10.52 -3.62 -26.96
C LYS A 195 9.74 -4.16 -25.77
N SER A 196 10.22 -5.22 -25.11
CA SER A 196 9.56 -5.62 -23.88
C SER A 196 9.77 -4.57 -22.80
N ASP A 197 10.91 -3.88 -22.80
CA ASP A 197 11.07 -2.74 -21.89
C ASP A 197 10.00 -1.68 -22.17
N VAL A 198 9.70 -1.44 -23.44
CA VAL A 198 8.65 -0.48 -23.78
C VAL A 198 7.32 -0.93 -23.19
N TRP A 199 7.04 -2.24 -23.21
CA TRP A 199 5.84 -2.74 -22.57
C TRP A 199 5.84 -2.36 -21.09
N SER A 200 6.96 -2.60 -20.39
CA SER A 200 7.05 -2.27 -18.97
C SER A 200 6.86 -0.77 -18.73
N PHE A 201 7.40 0.06 -19.61
CA PHE A 201 7.23 1.50 -19.46
C PHE A 201 5.74 1.86 -19.48
N GLY A 202 4.97 1.21 -20.36
CA GLY A 202 3.53 1.40 -20.38
C GLY A 202 2.88 1.04 -19.05
N ILE A 203 3.30 -0.07 -18.43
CA ILE A 203 2.84 -0.36 -17.08
C ILE A 203 3.30 0.72 -16.12
N LEU A 204 4.56 1.15 -16.25
CA LEU A 204 5.07 2.25 -15.42
C LEU A 204 4.21 3.50 -15.53
N LEU A 205 3.67 3.78 -16.72
CA LEU A 205 2.79 4.93 -16.87
C LEU A 205 1.49 4.78 -16.08
N THR A 206 1.01 3.56 -15.86
CA THR A 206 -0.15 3.40 -14.98
C THR A 206 0.22 3.57 -13.51
N GLU A 207 1.43 3.17 -13.11
CA GLU A 207 1.89 3.47 -11.76
C GLU A 207 1.94 4.98 -11.54
N LEU A 208 2.46 5.71 -12.53
CA LEU A 208 2.51 7.17 -12.41
C LEU A 208 1.11 7.76 -12.27
N THR A 209 0.19 7.35 -13.12
CA THR A 209 -1.12 8.00 -13.15
C THR A 209 -2.05 7.52 -12.04
N THR A 210 -1.76 6.41 -11.39
CA THR A 210 -2.50 5.99 -10.20
C THR A 210 -1.76 6.32 -8.93
N LYS A 211 -0.60 6.98 -9.03
CA LYS A 211 0.25 7.31 -7.89
C LYS A 211 0.68 6.04 -7.15
N GLY A 212 1.14 5.06 -7.92
CA GLY A 212 1.79 3.90 -7.37
C GLY A 212 0.93 2.69 -7.05
N ARG A 213 -0.31 2.63 -7.55
CA ARG A 213 -1.12 1.44 -7.29
C ARG A 213 -0.56 0.24 -8.06
N VAL A 214 -0.77 -0.95 -7.49
CA VAL A 214 -0.35 -2.17 -8.18
C VAL A 214 -1.15 -2.30 -9.47
N PRO A 215 -0.52 -2.58 -10.60
CA PRO A 215 -1.27 -2.75 -11.86
C PRO A 215 -2.17 -3.97 -11.80
N TYR A 216 -3.13 -3.99 -12.73
CA TYR A 216 -4.16 -5.03 -12.80
C TYR A 216 -4.76 -5.26 -11.42
N PRO A 217 -5.36 -4.26 -10.79
CA PRO A 217 -5.83 -4.40 -9.40
C PRO A 217 -6.80 -5.57 -9.25
N GLY A 218 -6.58 -6.37 -8.21
CA GLY A 218 -7.43 -7.50 -7.91
C GLY A 218 -7.21 -8.72 -8.76
N MET A 219 -6.21 -8.72 -9.64
CA MET A 219 -5.89 -9.87 -10.47
C MET A 219 -4.59 -10.50 -9.97
N VAL A 220 -4.59 -11.82 -9.84
CA VAL A 220 -3.37 -12.53 -9.47
C VAL A 220 -2.49 -12.65 -10.69
N ASN A 221 -1.25 -13.12 -10.51
CA ASN A 221 -0.33 -13.26 -11.63
C ASN A 221 -0.89 -14.20 -12.70
N ARG A 222 -1.35 -15.39 -12.30
CA ARG A 222 -1.95 -16.33 -13.23
C ARG A 222 -3.10 -15.70 -14.00
N GLU A 223 -3.91 -14.90 -13.30
CA GLU A 223 -5.02 -14.21 -13.94
C GLU A 223 -4.51 -13.19 -14.95
N VAL A 224 -3.38 -12.55 -14.66
CA VAL A 224 -2.85 -11.51 -15.55
C VAL A 224 -2.29 -12.10 -16.82
N LEU A 225 -1.64 -13.26 -16.71
CA LEU A 225 -0.96 -13.86 -17.86
C LEU A 225 -1.92 -14.13 -19.01
N ASP A 226 -2.96 -14.93 -18.78
CA ASP A 226 -3.82 -15.31 -19.90
C ASP A 226 -4.76 -14.17 -20.29
N GLN A 227 -5.24 -13.38 -19.32
CA GLN A 227 -6.08 -12.24 -19.67
C GLN A 227 -5.36 -11.34 -20.68
N VAL A 228 -4.07 -11.08 -20.45
CA VAL A 228 -3.31 -10.25 -21.38
C VAL A 228 -3.13 -10.97 -22.71
N GLU A 229 -2.88 -12.27 -22.67
CA GLU A 229 -2.78 -13.05 -23.90
C GLU A 229 -4.09 -13.06 -24.67
N ARG A 230 -5.22 -13.03 -23.95
CA ARG A 230 -6.53 -12.93 -24.56
C ARG A 230 -6.90 -11.50 -24.97
N GLY A 231 -5.97 -10.55 -24.88
CA GLY A 231 -6.18 -9.21 -25.40
C GLY A 231 -6.52 -8.15 -24.37
N TYR A 232 -6.74 -8.53 -23.11
CA TYR A 232 -7.08 -7.55 -22.08
C TYR A 232 -5.93 -6.57 -21.89
N ARG A 233 -6.30 -5.31 -21.68
CA ARG A 233 -5.38 -4.26 -21.29
C ARG A 233 -6.04 -3.43 -20.20
N MET A 234 -5.24 -2.83 -19.35
CA MET A 234 -5.79 -2.00 -18.29
C MET A 234 -6.58 -0.84 -18.92
N PRO A 235 -7.69 -0.45 -18.32
CA PRO A 235 -8.49 0.65 -18.85
C PRO A 235 -7.83 1.98 -18.52
N CYS A 236 -8.46 3.05 -18.99
CA CYS A 236 -7.94 4.39 -18.73
C CYS A 236 -8.08 4.71 -17.24
N PRO A 237 -6.99 5.02 -16.54
CA PRO A 237 -7.13 5.37 -15.13
C PRO A 237 -7.97 6.61 -14.97
N PRO A 238 -8.72 6.72 -13.87
CA PRO A 238 -9.58 7.90 -13.68
C PRO A 238 -8.76 9.20 -13.71
N GLU A 239 -9.30 10.18 -14.41
CA GLU A 239 -8.74 11.51 -14.64
C GLU A 239 -7.49 11.48 -15.53
N CYS A 240 -7.01 10.31 -15.91
CA CYS A 240 -5.94 10.24 -16.90
C CYS A 240 -6.53 10.52 -18.29
N PRO A 241 -5.94 11.42 -19.07
CA PRO A 241 -6.48 11.70 -20.41
C PRO A 241 -6.39 10.47 -21.29
N GLU A 242 -7.40 10.31 -22.16
CA GLU A 242 -7.42 9.16 -23.05
C GLU A 242 -6.18 9.12 -23.94
N SER A 243 -5.66 10.29 -24.31
CA SER A 243 -4.47 10.33 -25.14
C SER A 243 -3.27 9.69 -24.44
N LEU A 244 -3.15 9.89 -23.12
CA LEU A 244 -2.07 9.20 -22.42
C LEU A 244 -2.34 7.71 -22.30
N HIS A 245 -3.60 7.33 -22.11
CA HIS A 245 -3.95 5.91 -22.10
C HIS A 245 -3.68 5.27 -23.46
N ASP A 246 -3.95 5.98 -24.54
CA ASP A 246 -3.65 5.45 -25.86
C ASP A 246 -2.15 5.21 -26.02
N LEU A 247 -1.31 6.06 -25.43
CA LEU A 247 0.12 5.84 -25.45
C LEU A 247 0.48 4.53 -24.74
N MET A 248 -0.14 4.29 -23.58
CA MET A 248 0.04 3.04 -22.88
C MET A 248 -0.34 1.86 -23.77
N CYS A 249 -1.46 1.99 -24.50
CA CYS A 249 -1.92 0.90 -25.35
C CYS A 249 -0.95 0.65 -26.51
N GLN A 250 -0.31 1.70 -27.03
CA GLN A 250 0.74 1.48 -28.01
C GLN A 250 1.91 0.71 -27.40
N CYS A 251 2.24 1.00 -26.14
CA CYS A 251 3.29 0.24 -25.47
C CYS A 251 2.89 -1.21 -25.26
N TRP A 252 1.59 -1.49 -25.23
CA TRP A 252 1.10 -2.83 -24.94
C TRP A 252 0.55 -3.54 -26.18
N ARG A 253 1.06 -3.21 -27.36
CA ARG A 253 0.66 -3.94 -28.55
C ARG A 253 1.24 -5.35 -28.52
N LYS A 254 0.48 -6.31 -29.03
CA LYS A 254 0.87 -7.71 -28.94
C LYS A 254 2.18 -7.95 -29.68
N ASP A 255 2.29 -7.45 -30.91
CA ASP A 255 3.54 -7.60 -31.67
C ASP A 255 4.56 -6.59 -31.15
N PRO A 256 5.70 -7.04 -30.61
CA PRO A 256 6.66 -6.08 -30.03
C PRO A 256 7.19 -5.08 -31.04
N GLU A 257 7.33 -5.46 -32.32
CA GLU A 257 7.85 -4.56 -33.33
C GLU A 257 6.95 -3.34 -33.54
N GLU A 258 5.67 -3.43 -33.21
CA GLU A 258 4.74 -2.31 -33.39
C GLU A 258 4.76 -1.33 -32.22
N ARG A 259 5.44 -1.66 -31.13
CA ARG A 259 5.50 -0.74 -29.99
C ARG A 259 6.41 0.43 -30.34
N PRO A 260 6.13 1.63 -29.82
CA PRO A 260 6.97 2.78 -30.15
C PRO A 260 8.37 2.66 -29.55
N THR A 261 9.29 3.44 -30.11
CA THR A 261 10.62 3.53 -29.54
C THR A 261 10.61 4.44 -28.31
N PHE A 262 11.64 4.26 -27.46
CA PHE A 262 11.80 5.17 -26.33
C PHE A 262 12.14 6.57 -26.80
N GLU A 263 12.84 6.69 -27.92
CA GLU A 263 13.05 7.99 -28.53
C GLU A 263 11.72 8.68 -28.82
N TYR A 264 10.77 7.93 -29.40
CA TYR A 264 9.43 8.44 -29.64
C TYR A 264 8.71 8.76 -28.33
N LEU A 265 8.75 7.83 -27.38
CA LEU A 265 8.08 8.05 -26.10
C LEU A 265 8.59 9.31 -25.42
N GLN A 266 9.91 9.50 -25.42
CA GLN A 266 10.49 10.68 -24.81
C GLN A 266 9.95 11.96 -25.44
N ALA A 267 9.96 12.03 -26.78
CA ALA A 267 9.49 13.24 -27.46
C ALA A 267 8.01 13.48 -27.22
N PHE A 268 7.19 12.43 -27.30
CA PHE A 268 5.76 12.56 -27.05
C PHE A 268 5.49 13.06 -25.64
N LEU A 269 6.24 12.57 -24.65
CA LEU A 269 6.01 13.00 -23.28
C LEU A 269 6.57 14.40 -23.03
N GLU A 270 7.72 14.72 -23.65
CA GLU A 270 8.29 16.06 -23.53
C GLU A 270 7.35 17.11 -24.08
N ASP A 271 6.66 16.81 -25.17
CA ASP A 271 5.82 17.75 -25.90
C ASP A 271 4.35 17.65 -25.52
N TYR A 272 4.03 16.85 -24.49
CA TYR A 272 2.66 16.37 -24.28
C TYR A 272 1.67 17.51 -24.11
N PHE A 273 2.00 18.49 -23.29
CA PHE A 273 1.01 19.50 -22.95
C PHE A 273 0.91 20.62 -23.98
N THR A 274 1.71 20.58 -25.04
CA THR A 274 1.52 21.49 -26.17
C THR A 274 0.92 20.79 -27.37
N SER A 275 1.44 19.61 -27.74
CA SER A 275 1.05 18.95 -28.97
C SER A 275 -0.14 18.01 -28.81
N THR A 276 -0.38 17.51 -27.59
CA THR A 276 -1.34 16.43 -27.39
C THR A 276 -2.45 16.69 -26.37
N GLU A 277 -2.23 17.56 -25.39
CA GLU A 277 -3.28 17.94 -24.45
C GLU A 277 -2.97 19.42 -24.19
N PRO A 278 -3.27 20.29 -25.18
CA PRO A 278 -3.04 21.73 -24.97
C PRO A 278 -4.18 22.32 -24.16
N GLN A 279 -5.29 21.59 -23.99
CA GLN A 279 -6.42 22.07 -23.21
C GLN A 279 -6.48 21.43 -21.83
N TYR A 280 -5.37 20.86 -21.37
CA TYR A 280 -5.34 20.19 -20.08
C TYR A 280 -5.71 21.16 -18.97
N GLN A 281 -6.57 20.72 -18.06
CA GLN A 281 -6.92 21.48 -16.87
C GLN A 281 -6.72 20.57 -15.65
N PRO A 282 -6.03 21.04 -14.62
CA PRO A 282 -5.81 20.19 -13.44
C PRO A 282 -7.13 19.80 -12.78
N GLY A 283 -7.22 18.54 -12.38
CA GLY A 283 -8.35 18.02 -11.65
C GLY A 283 -8.02 17.77 -10.19
N GLU A 284 -8.82 16.90 -9.57
CA GLU A 284 -8.65 16.65 -8.15
C GLU A 284 -7.42 15.81 -7.85
N ASN A 285 -7.07 14.88 -8.72
CA ASN A 285 -5.89 14.03 -8.51
C ASN A 285 -4.86 14.14 -9.63
N LEU A 286 -5.26 14.35 -10.87
CA LEU A 286 -4.32 14.46 -11.98
C LEU A 286 -4.43 15.80 -12.69
N LYS B 10 -42.74 6.31 11.18
CA LYS B 10 -42.35 4.98 10.70
C LYS B 10 -41.87 5.04 9.24
N ASP B 11 -40.69 4.53 8.96
CA ASP B 11 -40.17 4.54 7.59
C ASP B 11 -40.16 3.13 7.00
N ALA B 12 -39.64 3.04 5.78
CA ALA B 12 -39.63 1.79 5.01
C ALA B 12 -38.61 0.79 5.54
N TRP B 13 -37.86 1.12 6.60
CA TRP B 13 -37.03 0.15 7.28
C TRP B 13 -37.83 -0.69 8.27
N GLU B 14 -39.04 -0.27 8.61
CA GLU B 14 -39.81 -0.91 9.66
C GLU B 14 -40.44 -2.20 9.17
N ILE B 15 -40.40 -3.22 10.01
CA ILE B 15 -41.02 -4.52 9.70
C ILE B 15 -41.88 -4.93 10.90
N PRO B 16 -42.83 -5.83 10.67
CA PRO B 16 -43.60 -6.37 11.80
C PRO B 16 -42.75 -7.36 12.60
N ARG B 17 -42.97 -7.37 13.91
CA ARG B 17 -42.16 -8.20 14.80
C ARG B 17 -42.38 -9.68 14.54
N GLU B 18 -43.56 -10.05 14.04
CA GLU B 18 -43.87 -11.46 13.84
C GLU B 18 -43.06 -12.07 12.71
N SER B 19 -42.44 -11.25 11.87
CA SER B 19 -41.52 -11.76 10.86
C SER B 19 -40.14 -12.09 11.42
N LEU B 20 -39.96 -12.00 12.74
CA LEU B 20 -38.67 -12.23 13.38
C LEU B 20 -38.81 -13.38 14.37
N ARG B 21 -37.98 -14.40 14.20
CA ARG B 21 -37.93 -15.56 15.09
C ARG B 21 -36.52 -15.61 15.69
N LEU B 22 -36.41 -15.10 16.92
CA LEU B 22 -35.14 -15.09 17.70
C LEU B 22 -34.85 -16.49 18.21
N GLU B 23 -33.70 -17.03 17.85
CA GLU B 23 -33.27 -18.37 18.31
C GLU B 23 -32.20 -18.18 19.40
N VAL B 24 -30.97 -18.60 19.10
CA VAL B 24 -29.82 -18.57 20.06
C VAL B 24 -29.47 -17.15 20.48
N LYS B 25 -28.97 -16.97 21.70
CA LYS B 25 -28.46 -15.71 22.17
C LYS B 25 -27.00 -15.54 21.73
N LEU B 26 -26.50 -14.31 21.83
CA LEU B 26 -25.16 -14.04 21.33
C LEU B 26 -24.36 -13.09 22.23
N GLY B 27 -24.99 -12.04 22.75
CA GLY B 27 -24.31 -11.06 23.57
C GLY B 27 -25.14 -10.66 24.77
N GLN B 28 -24.63 -9.69 25.53
CA GLN B 28 -25.34 -9.18 26.69
C GLN B 28 -24.98 -7.72 26.96
N GLU B 33 -29.27 -7.12 24.75
CA GLU B 33 -28.72 -8.35 24.19
C GLU B 33 -28.76 -8.32 22.65
N VAL B 34 -28.07 -9.28 22.03
CA VAL B 34 -28.11 -9.50 20.59
C VAL B 34 -28.35 -10.98 20.33
N TRP B 35 -29.29 -11.28 19.43
CA TRP B 35 -29.71 -12.65 19.17
C TRP B 35 -29.56 -12.97 17.69
N MET B 36 -29.31 -14.24 17.40
CA MET B 36 -29.37 -14.76 16.05
C MET B 36 -30.79 -15.22 15.76
N GLY B 37 -31.26 -14.95 14.55
CA GLY B 37 -32.62 -15.33 14.20
C GLY B 37 -32.84 -15.49 12.71
N THR B 38 -34.10 -15.65 12.32
CA THR B 38 -34.48 -15.75 10.91
C THR B 38 -35.56 -14.71 10.63
N TRP B 39 -35.45 -14.07 9.48
CA TRP B 39 -36.34 -12.98 9.09
C TRP B 39 -37.20 -13.46 7.92
N ASN B 40 -38.50 -13.21 8.02
CA ASN B 40 -39.49 -13.74 7.07
C ASN B 40 -39.39 -15.26 6.96
N GLY B 41 -38.86 -15.91 8.00
CA GLY B 41 -38.66 -17.36 7.99
C GLY B 41 -37.73 -17.85 6.91
N THR B 42 -37.08 -16.94 6.18
CA THR B 42 -36.31 -17.29 5.00
C THR B 42 -34.83 -16.96 5.08
N THR B 43 -34.46 -15.90 5.80
CA THR B 43 -33.10 -15.37 5.75
C THR B 43 -32.55 -15.25 7.16
N ARG B 44 -31.32 -15.71 7.36
CA ARG B 44 -30.71 -15.64 8.67
C ARG B 44 -30.26 -14.22 8.98
N VAL B 45 -30.34 -13.87 10.26
CA VAL B 45 -30.32 -12.48 10.68
C VAL B 45 -29.77 -12.39 12.09
N ALA B 46 -29.08 -11.28 12.38
CA ALA B 46 -28.77 -10.90 13.75
C ALA B 46 -29.75 -9.82 14.22
N ILE B 47 -30.09 -9.87 15.50
CA ILE B 47 -31.16 -9.04 16.04
C ILE B 47 -30.69 -8.44 17.37
N LYS B 48 -30.57 -7.12 17.41
CA LYS B 48 -30.17 -6.41 18.62
C LYS B 48 -31.40 -5.85 19.31
N THR B 49 -31.55 -6.15 20.60
CA THR B 49 -32.69 -5.74 21.40
C THR B 49 -32.28 -4.65 22.38
N LEU B 50 -33.18 -3.71 22.64
CA LEU B 50 -32.93 -2.63 23.60
C LEU B 50 -32.93 -3.16 25.03
N PRO B 57 -34.44 3.98 25.79
CA PRO B 57 -35.03 5.29 25.48
C PRO B 57 -35.63 5.35 24.07
N GLU B 58 -36.24 6.49 23.73
CA GLU B 58 -36.68 6.75 22.37
C GLU B 58 -35.52 7.10 21.43
N ALA B 59 -34.29 7.19 21.98
CA ALA B 59 -33.09 7.47 21.19
C ALA B 59 -32.12 6.29 21.20
N PHE B 60 -32.60 5.09 21.52
CA PHE B 60 -31.86 3.87 21.21
C PHE B 60 -31.73 3.65 19.71
N LEU B 61 -32.46 4.43 18.92
CA LEU B 61 -32.46 4.35 17.46
C LEU B 61 -31.52 5.39 16.83
N GLN B 62 -30.45 5.77 17.54
CA GLN B 62 -29.47 6.69 16.95
C GLN B 62 -28.56 5.96 15.99
N GLU B 63 -27.95 4.85 16.44
CA GLU B 63 -27.12 4.04 15.56
C GLU B 63 -27.95 3.44 14.43
N ALA B 64 -29.25 3.26 14.63
CA ALA B 64 -30.12 2.86 13.53
C ALA B 64 -30.20 3.95 12.46
N GLN B 65 -30.39 5.20 12.90
CA GLN B 65 -30.40 6.32 11.96
C GLN B 65 -29.09 6.39 11.19
N VAL B 66 -27.97 6.26 11.89
CA VAL B 66 -26.66 6.29 11.24
C VAL B 66 -26.54 5.12 10.26
N MET B 67 -26.87 3.91 10.71
CA MET B 67 -26.79 2.73 9.84
C MET B 67 -27.70 2.85 8.64
N LYS B 68 -28.80 3.59 8.77
CA LYS B 68 -29.67 3.83 7.62
C LYS B 68 -28.93 4.59 6.53
N LYS B 69 -28.09 5.55 6.91
CA LYS B 69 -27.38 6.37 5.94
C LYS B 69 -26.17 5.65 5.36
N LEU B 70 -25.49 4.82 6.15
CA LEU B 70 -24.25 4.18 5.72
C LEU B 70 -24.55 2.82 5.10
N ARG B 71 -24.06 2.60 3.89
CA ARG B 71 -24.18 1.32 3.21
C ARG B 71 -22.87 1.02 2.50
N HIS B 72 -22.21 -0.07 2.89
CA HIS B 72 -20.92 -0.43 2.35
C HIS B 72 -20.71 -1.90 2.66
N GLU B 73 -20.02 -2.61 1.75
CA GLU B 73 -19.85 -4.04 1.92
C GLU B 73 -18.92 -4.36 3.09
N LYS B 74 -18.12 -3.41 3.55
CA LYS B 74 -17.27 -3.63 4.71
C LYS B 74 -17.87 -3.04 5.98
N LEU B 75 -19.12 -2.57 5.93
CA LEU B 75 -19.86 -2.16 7.11
C LEU B 75 -21.01 -3.12 7.30
N VAL B 76 -21.17 -3.61 8.54
CA VAL B 76 -22.28 -4.49 8.88
C VAL B 76 -23.58 -3.85 8.42
N GLN B 77 -24.35 -4.58 7.62
CA GLN B 77 -25.49 -4.02 6.91
C GLN B 77 -26.74 -4.05 7.78
N LEU B 78 -27.40 -2.89 7.89
CA LEU B 78 -28.73 -2.84 8.49
C LEU B 78 -29.77 -3.45 7.56
N TYR B 79 -30.62 -4.32 8.11
CA TYR B 79 -31.70 -4.94 7.35
C TYR B 79 -33.05 -4.29 7.63
N ALA B 80 -33.38 -4.09 8.89
CA ALA B 80 -34.70 -3.59 9.25
C ALA B 80 -34.66 -3.12 10.70
N VAL B 81 -35.71 -2.39 11.08
CA VAL B 81 -35.88 -1.96 12.46
C VAL B 81 -37.30 -2.31 12.90
N VAL B 82 -37.45 -2.56 14.19
CA VAL B 82 -38.75 -2.66 14.84
C VAL B 82 -38.73 -1.64 15.96
N SER B 83 -39.34 -0.48 15.71
CA SER B 83 -39.19 0.69 16.58
C SER B 83 -40.37 0.89 17.50
N GLU B 84 -41.03 -0.18 17.92
CA GLU B 84 -42.08 -0.12 18.94
C GLU B 84 -41.36 -1.04 19.92
N GLU B 85 -41.31 -0.61 21.20
CA GLU B 85 -40.98 -1.35 22.40
C GLU B 85 -41.60 -2.74 22.55
N PRO B 86 -40.80 -3.83 22.63
CA PRO B 86 -39.34 -3.97 22.58
C PRO B 86 -38.68 -3.66 21.23
N ILE B 87 -37.74 -2.72 21.24
CA ILE B 87 -37.18 -2.17 20.01
C ILE B 87 -36.06 -3.10 19.54
N TYR B 88 -36.26 -3.73 18.39
CA TYR B 88 -35.20 -4.52 17.76
C TYR B 88 -34.54 -3.74 16.64
N ILE B 89 -33.26 -4.03 16.41
CA ILE B 89 -32.53 -3.62 15.22
C ILE B 89 -32.03 -4.88 14.54
N VAL B 90 -32.28 -5.00 13.25
CA VAL B 90 -32.06 -6.22 12.49
C VAL B 90 -30.95 -5.98 11.47
N THR B 91 -29.91 -6.81 11.52
CA THR B 91 -28.75 -6.64 10.65
C THR B 91 -28.41 -7.96 9.98
N GLU B 92 -27.45 -7.91 9.06
CA GLU B 92 -26.88 -9.13 8.51
C GLU B 92 -26.15 -9.91 9.60
N TYR B 93 -26.04 -11.22 9.39
CA TYR B 93 -25.41 -12.11 10.36
C TYR B 93 -24.01 -12.49 9.89
N MET B 94 -23.03 -12.33 10.79
CA MET B 94 -21.65 -12.70 10.51
C MET B 94 -21.35 -14.01 11.24
N SER B 95 -20.98 -15.04 10.47
CA SER B 95 -20.93 -16.39 11.02
C SER B 95 -19.85 -16.56 12.08
N LYS B 96 -18.71 -15.88 11.92
CA LYS B 96 -17.54 -16.14 12.75
C LYS B 96 -17.45 -15.27 14.00
N GLY B 97 -18.40 -14.37 14.23
CA GLY B 97 -18.33 -13.55 15.43
C GLY B 97 -17.33 -12.41 15.31
N SER B 98 -16.86 -11.94 16.45
CA SER B 98 -16.00 -10.77 16.47
C SER B 98 -14.59 -11.13 16.03
N LEU B 99 -13.94 -10.18 15.38
CA LEU B 99 -12.53 -10.37 14.99
C LEU B 99 -11.68 -10.71 16.20
N LEU B 100 -11.94 -10.05 17.33
CA LEU B 100 -11.21 -10.36 18.56
C LEU B 100 -11.36 -11.83 18.94
N ASP B 101 -12.60 -12.34 18.98
CA ASP B 101 -12.81 -13.74 19.28
C ASP B 101 -12.14 -14.64 18.23
N PHE B 102 -12.18 -14.25 16.97
CA PHE B 102 -11.58 -15.04 15.90
C PHE B 102 -10.08 -15.17 16.10
N LEU B 103 -9.41 -14.03 16.34
CA LEU B 103 -7.97 -14.01 16.55
C LEU B 103 -7.58 -14.79 17.79
N LYS B 104 -8.42 -14.79 18.83
CA LYS B 104 -8.06 -15.48 20.07
C LYS B 104 -8.29 -16.98 19.99
N GLY B 105 -9.22 -17.42 19.14
CA GLY B 105 -9.68 -18.80 19.13
C GLY B 105 -8.92 -19.72 18.19
N GLU B 106 -9.61 -20.81 17.83
CA GLU B 106 -9.15 -21.86 16.93
C GLU B 106 -8.27 -21.38 15.79
N MET B 107 -8.68 -20.30 15.13
CA MET B 107 -8.03 -19.81 13.92
C MET B 107 -6.80 -18.97 14.18
N GLY B 108 -6.57 -18.52 15.41
CA GLY B 108 -5.47 -17.60 15.65
C GLY B 108 -4.12 -18.17 15.24
N LYS B 109 -3.89 -19.45 15.56
CA LYS B 109 -2.60 -20.05 15.28
C LYS B 109 -2.31 -20.15 13.79
N TYR B 110 -3.35 -20.21 12.95
CA TYR B 110 -3.13 -20.46 11.54
C TYR B 110 -3.05 -19.18 10.71
N LEU B 111 -3.67 -18.09 11.18
CA LEU B 111 -3.59 -16.82 10.48
C LEU B 111 -2.13 -16.37 10.35
N ARG B 112 -1.74 -16.01 9.14
CA ARG B 112 -0.42 -15.46 8.90
C ARG B 112 -0.57 -14.01 8.45
N LEU B 113 0.57 -13.34 8.25
CA LEU B 113 0.55 -11.95 7.82
C LEU B 113 -0.28 -11.70 6.56
N PRO B 114 -0.22 -12.53 5.51
CA PRO B 114 -1.08 -12.26 4.34
C PRO B 114 -2.57 -12.21 4.69
N GLN B 115 -3.05 -13.09 5.54
CA GLN B 115 -4.45 -13.05 5.93
C GLN B 115 -4.74 -11.83 6.80
N LEU B 116 -3.89 -11.56 7.79
CA LEU B 116 -4.14 -10.47 8.72
C LEU B 116 -4.05 -9.12 8.04
N VAL B 117 -3.13 -8.97 7.08
CA VAL B 117 -3.05 -7.71 6.34
C VAL B 117 -4.29 -7.53 5.48
N ASP B 118 -4.79 -8.63 4.89
CA ASP B 118 -5.99 -8.54 4.07
C ASP B 118 -7.21 -8.14 4.91
N MET B 119 -7.37 -8.73 6.09
CA MET B 119 -8.43 -8.30 7.00
C MET B 119 -8.26 -6.83 7.37
N ALA B 120 -7.02 -6.42 7.66
CA ALA B 120 -6.75 -5.02 7.91
C ALA B 120 -7.18 -4.16 6.73
N ALA B 121 -6.89 -4.62 5.50
CA ALA B 121 -7.26 -3.86 4.31
C ALA B 121 -8.76 -3.74 4.18
N GLN B 122 -9.48 -4.81 4.51
CA GLN B 122 -10.93 -4.78 4.53
C GLN B 122 -11.46 -3.74 5.52
N ILE B 123 -10.90 -3.74 6.73
CA ILE B 123 -11.34 -2.77 7.73
C ILE B 123 -11.03 -1.35 7.26
N ALA B 124 -9.86 -1.17 6.64
CA ALA B 124 -9.49 0.15 6.15
C ALA B 124 -10.42 0.60 5.05
N SER B 125 -10.90 -0.34 4.22
CA SER B 125 -11.87 -0.02 3.19
C SER B 125 -13.18 0.45 3.80
N GLY B 126 -13.71 -0.29 4.79
CA GLY B 126 -14.89 0.17 5.49
C GLY B 126 -14.70 1.55 6.10
N MET B 127 -13.58 1.73 6.80
CA MET B 127 -13.31 3.02 7.42
C MET B 127 -13.05 4.12 6.39
N ALA B 128 -12.47 3.77 5.24
CA ALA B 128 -12.31 4.77 4.18
C ALA B 128 -13.67 5.26 3.71
N TYR B 129 -14.66 4.38 3.68
CA TYR B 129 -16.01 4.80 3.33
C TYR B 129 -16.58 5.75 4.39
N VAL B 130 -16.40 5.39 5.67
CA VAL B 130 -16.79 6.29 6.75
C VAL B 130 -16.07 7.63 6.61
N GLU B 131 -14.79 7.58 6.28
CA GLU B 131 -14.02 8.77 5.98
C GLU B 131 -14.67 9.60 4.87
N ARG B 132 -15.03 8.93 3.75
CA ARG B 132 -15.67 9.65 2.65
C ARG B 132 -16.96 10.32 3.09
N MET B 133 -17.74 9.64 3.92
CA MET B 133 -19.04 10.12 4.36
C MET B 133 -18.95 11.15 5.48
N ASN B 134 -17.74 11.49 5.94
CA ASN B 134 -17.54 12.48 6.99
C ASN B 134 -18.21 12.07 8.31
N TYR B 135 -18.17 10.77 8.60
CA TYR B 135 -18.60 10.23 9.89
C TYR B 135 -17.40 9.84 10.72
N VAL B 136 -17.64 9.65 12.02
CA VAL B 136 -16.62 9.18 12.96
C VAL B 136 -17.15 7.92 13.61
N HIS B 137 -16.28 6.91 13.73
CA HIS B 137 -16.72 5.66 14.35
C HIS B 137 -16.70 5.76 15.87
N ARG B 138 -15.56 6.14 16.43
CA ARG B 138 -15.34 6.45 17.85
C ARG B 138 -15.05 5.22 18.70
N ASP B 139 -15.09 4.02 18.13
CA ASP B 139 -14.88 2.81 18.93
C ASP B 139 -14.37 1.70 18.02
N LEU B 140 -13.39 2.04 17.20
CA LEU B 140 -12.78 1.07 16.30
C LEU B 140 -11.77 0.21 17.05
N ARG B 141 -11.96 -1.10 16.98
CA ARG B 141 -11.09 -2.09 17.62
C ARG B 141 -11.61 -3.46 17.24
N ALA B 142 -10.78 -4.49 17.52
CA ALA B 142 -11.07 -5.82 17.01
C ALA B 142 -12.39 -6.37 17.53
N ALA B 143 -12.77 -6.02 18.76
CA ALA B 143 -14.02 -6.50 19.32
C ALA B 143 -15.24 -5.95 18.57
N ASN B 144 -15.06 -4.86 17.83
CA ASN B 144 -16.15 -4.25 17.07
C ASN B 144 -16.02 -4.51 15.58
N ILE B 145 -15.15 -5.43 15.17
CA ILE B 145 -15.11 -5.95 13.82
C ILE B 145 -15.77 -7.32 13.86
N LEU B 146 -16.60 -7.60 12.86
CA LEU B 146 -17.25 -8.90 12.77
C LEU B 146 -16.73 -9.67 11.57
N VAL B 147 -16.61 -10.98 11.73
CA VAL B 147 -15.99 -11.84 10.72
C VAL B 147 -17.07 -12.75 10.16
N GLY B 148 -17.13 -12.86 8.83
CA GLY B 148 -17.92 -13.84 8.17
C GLY B 148 -17.07 -14.98 7.65
N GLU B 149 -17.63 -15.74 6.72
CA GLU B 149 -16.78 -16.74 6.10
C GLU B 149 -15.94 -16.09 5.00
N ASN B 150 -14.97 -16.85 4.51
CA ASN B 150 -13.98 -16.36 3.56
C ASN B 150 -13.15 -15.22 4.14
N LEU B 151 -13.09 -15.14 5.47
CA LEU B 151 -12.32 -14.13 6.19
C LEU B 151 -12.85 -12.71 5.93
N VAL B 152 -14.14 -12.60 5.56
CA VAL B 152 -14.73 -11.28 5.41
C VAL B 152 -14.79 -10.62 6.78
N CYS B 153 -14.36 -9.36 6.85
CA CYS B 153 -14.44 -8.56 8.06
C CYS B 153 -15.25 -7.31 7.77
N LYS B 154 -16.13 -6.94 8.69
CA LYS B 154 -16.93 -5.73 8.52
C LYS B 154 -16.93 -4.93 9.81
N VAL B 155 -16.85 -3.61 9.66
CA VAL B 155 -16.92 -2.72 10.81
C VAL B 155 -18.31 -2.77 11.41
N ALA B 156 -18.38 -2.87 12.74
CA ALA B 156 -19.66 -2.99 13.42
C ALA B 156 -19.78 -1.93 14.52
N ASP B 157 -20.95 -1.92 15.15
CA ASP B 157 -21.19 -1.37 16.50
C ASP B 157 -20.58 0.02 16.69
N PHE B 158 -21.12 0.98 15.95
CA PHE B 158 -20.66 2.37 15.99
C PHE B 158 -20.78 3.01 17.36
N GLY B 159 -22.01 3.28 17.80
CA GLY B 159 -22.33 3.83 19.12
C GLY B 159 -21.28 4.59 19.92
N ARG B 162 -21.08 9.38 15.08
CA ARG B 162 -21.99 10.42 14.60
C ARG B 162 -21.32 11.26 13.51
N LEU B 163 -22.07 12.23 12.98
CA LEU B 163 -21.59 13.06 11.88
C LEU B 163 -20.71 14.18 12.44
N ILE B 164 -19.42 14.12 12.11
CA ILE B 164 -18.44 15.10 12.54
C ILE B 164 -18.86 16.54 12.19
N PHE B 177 -14.06 3.97 28.61
CA PHE B 177 -13.17 2.92 29.10
C PHE B 177 -12.00 2.60 28.15
N PRO B 178 -12.25 2.28 26.86
CA PRO B 178 -11.14 1.78 26.03
C PRO B 178 -10.13 2.84 25.64
N ILE B 179 -9.50 3.48 26.64
CA ILE B 179 -8.46 4.47 26.35
C ILE B 179 -7.23 3.84 25.70
N LYS B 180 -7.09 2.51 25.77
CA LYS B 180 -5.94 1.89 25.12
C LYS B 180 -6.06 1.92 23.61
N TRP B 181 -7.27 2.11 23.08
CA TRP B 181 -7.52 2.25 21.66
C TRP B 181 -7.81 3.68 21.23
N THR B 182 -7.89 4.61 22.18
CA THR B 182 -8.39 5.95 21.91
C THR B 182 -7.24 6.94 21.78
N ALA B 183 -7.30 7.77 20.75
CA ALA B 183 -6.30 8.79 20.55
C ALA B 183 -6.24 9.71 21.76
N PRO B 184 -5.05 10.23 22.11
CA PRO B 184 -4.92 11.13 23.26
C PRO B 184 -5.91 12.28 23.24
N GLU B 185 -5.93 13.02 22.12
CA GLU B 185 -6.84 14.15 21.97
C GLU B 185 -8.27 13.74 22.29
N ALA B 186 -8.66 12.53 21.91
CA ALA B 186 -10.04 12.10 22.09
C ALA B 186 -10.29 11.67 23.52
N ALA B 187 -9.33 10.96 24.13
CA ALA B 187 -9.48 10.56 25.53
C ALA B 187 -9.44 11.77 26.45
N LEU B 188 -8.57 12.74 26.17
CA LEU B 188 -8.37 13.85 27.09
C LEU B 188 -9.39 14.97 26.89
N TYR B 189 -9.62 15.38 25.65
CA TYR B 189 -10.42 16.55 25.35
C TYR B 189 -11.63 16.24 24.48
N GLY B 190 -11.98 14.98 24.31
CA GLY B 190 -13.16 14.64 23.52
C GLY B 190 -13.09 15.04 22.07
N ARG B 191 -11.88 15.17 21.51
CA ARG B 191 -11.73 15.54 20.11
C ARG B 191 -11.72 14.27 19.28
N PHE B 192 -12.92 13.74 19.04
CA PHE B 192 -13.11 12.54 18.23
C PHE B 192 -13.27 12.92 16.78
N THR B 193 -12.37 12.41 15.94
CA THR B 193 -12.39 12.67 14.51
C THR B 193 -12.04 11.39 13.79
N ILE B 194 -12.18 11.41 12.46
CA ILE B 194 -11.70 10.28 11.68
C ILE B 194 -10.21 10.03 11.96
N LYS B 195 -9.47 11.07 12.36
CA LYS B 195 -8.06 10.92 12.68
C LYS B 195 -7.85 10.25 14.04
N SER B 196 -8.80 10.38 14.97
CA SER B 196 -8.70 9.55 16.17
C SER B 196 -9.08 8.11 15.86
N ASP B 197 -9.96 7.90 14.87
CA ASP B 197 -10.21 6.55 14.38
C ASP B 197 -8.95 5.95 13.75
N VAL B 198 -8.17 6.76 13.02
CA VAL B 198 -6.92 6.25 12.44
C VAL B 198 -5.98 5.76 13.55
N TRP B 199 -5.88 6.53 14.64
CA TRP B 199 -5.15 6.07 15.81
C TRP B 199 -5.62 4.70 16.26
N SER B 200 -6.92 4.55 16.46
CA SER B 200 -7.48 3.27 16.87
C SER B 200 -7.15 2.18 15.87
N PHE B 201 -7.17 2.52 14.57
CA PHE B 201 -6.81 1.55 13.55
C PHE B 201 -5.39 1.06 13.77
N GLY B 202 -4.47 1.97 14.08
CA GLY B 202 -3.11 1.55 14.42
C GLY B 202 -3.08 0.56 15.56
N ILE B 203 -3.90 0.80 16.58
CA ILE B 203 -3.98 -0.14 17.68
C ILE B 203 -4.55 -1.48 17.21
N LEU B 204 -5.63 -1.42 16.43
CA LEU B 204 -6.20 -2.62 15.82
C LEU B 204 -5.15 -3.41 15.05
N LEU B 205 -4.22 -2.72 14.38
CA LEU B 205 -3.14 -3.43 13.71
C LEU B 205 -2.28 -4.21 14.70
N THR B 206 -2.11 -3.72 15.93
CA THR B 206 -1.39 -4.50 16.93
C THR B 206 -2.20 -5.70 17.38
N GLU B 207 -3.53 -5.59 17.42
CA GLU B 207 -4.35 -6.76 17.70
C GLU B 207 -4.21 -7.82 16.62
N LEU B 208 -4.20 -7.41 15.35
CA LEU B 208 -4.06 -8.37 14.26
C LEU B 208 -2.71 -9.08 14.36
N THR B 209 -1.62 -8.32 14.57
CA THR B 209 -0.30 -8.90 14.48
C THR B 209 0.13 -9.65 15.73
N THR B 210 -0.67 -9.60 16.81
CA THR B 210 -0.39 -10.37 18.02
C THR B 210 -1.45 -11.42 18.29
N LYS B 211 -2.35 -11.66 17.34
CA LYS B 211 -3.45 -12.62 17.49
C LYS B 211 -4.41 -12.22 18.59
N GLY B 212 -4.62 -10.91 18.76
CA GLY B 212 -5.66 -10.40 19.62
C GLY B 212 -5.27 -10.07 21.05
N ARG B 213 -3.98 -9.96 21.37
CA ARG B 213 -3.58 -9.55 22.72
C ARG B 213 -4.01 -8.11 23.03
N VAL B 214 -4.33 -7.87 24.30
CA VAL B 214 -4.63 -6.51 24.74
C VAL B 214 -3.43 -5.60 24.48
N PRO B 215 -3.62 -4.42 23.91
CA PRO B 215 -2.51 -3.49 23.71
C PRO B 215 -1.88 -3.06 25.03
N TYR B 216 -0.63 -2.58 24.93
CA TYR B 216 0.15 -2.14 26.08
C TYR B 216 0.17 -3.18 27.19
N PRO B 217 0.68 -4.39 26.92
CA PRO B 217 0.64 -5.46 27.93
C PRO B 217 1.24 -5.01 29.25
N GLY B 218 0.53 -5.30 30.34
CA GLY B 218 0.99 -4.98 31.67
C GLY B 218 0.75 -3.56 32.13
N MET B 219 0.27 -2.67 31.27
CA MET B 219 0.05 -1.27 31.63
C MET B 219 -1.44 -1.05 31.89
N VAL B 220 -1.76 -0.40 33.01
CA VAL B 220 -3.13 -0.04 33.31
C VAL B 220 -3.49 1.22 32.52
N ASN B 221 -4.75 1.63 32.60
CA ASN B 221 -5.23 2.75 31.78
C ASN B 221 -4.46 4.02 32.10
N ARG B 222 -4.35 4.37 33.39
CA ARG B 222 -3.61 5.55 33.80
C ARG B 222 -2.17 5.50 33.29
N GLU B 223 -1.52 4.33 33.38
CA GLU B 223 -0.15 4.23 32.92
C GLU B 223 -0.05 4.42 31.41
N VAL B 224 -1.06 3.95 30.67
CA VAL B 224 -1.07 4.15 29.22
C VAL B 224 -1.17 5.63 28.88
N LEU B 225 -2.05 6.36 29.58
CA LEU B 225 -2.28 7.76 29.26
C LEU B 225 -1.03 8.59 29.50
N ASP B 226 -0.42 8.45 30.69
CA ASP B 226 0.79 9.21 30.99
C ASP B 226 1.92 8.86 30.02
N GLN B 227 2.05 7.57 29.70
CA GLN B 227 3.18 7.11 28.90
C GLN B 227 3.06 7.56 27.45
N VAL B 228 1.87 7.44 26.87
CA VAL B 228 1.65 7.85 25.49
C VAL B 228 1.80 9.36 25.34
N GLU B 229 1.41 10.13 26.37
CA GLU B 229 1.64 11.58 26.32
C GLU B 229 3.12 11.90 26.33
N ARG B 230 3.92 11.13 27.09
CA ARG B 230 5.37 11.26 27.10
C ARG B 230 6.02 10.81 25.78
N GLY B 231 5.24 10.33 24.82
CA GLY B 231 5.79 9.91 23.54
C GLY B 231 6.00 8.43 23.38
N TYR B 232 5.67 7.63 24.38
CA TYR B 232 5.81 6.18 24.25
C TYR B 232 4.86 5.65 23.18
N ARG B 233 5.35 4.68 22.40
CA ARG B 233 4.57 3.94 21.42
C ARG B 233 4.91 2.47 21.55
N MET B 234 3.93 1.61 21.28
CA MET B 234 4.17 0.18 21.34
C MET B 234 5.27 -0.20 20.35
N PRO B 235 6.13 -1.15 20.68
CA PRO B 235 7.19 -1.54 19.77
C PRO B 235 6.66 -2.50 18.71
N CYS B 236 7.54 -2.82 17.77
CA CYS B 236 7.21 -3.73 16.70
C CYS B 236 6.90 -5.12 17.26
N PRO B 237 5.71 -5.67 17.03
CA PRO B 237 5.43 -7.02 17.50
C PRO B 237 6.42 -8.02 16.91
N PRO B 238 6.68 -9.11 17.62
CA PRO B 238 7.62 -10.11 17.08
C PRO B 238 7.12 -10.66 15.76
N GLU B 239 8.03 -10.75 14.79
CA GLU B 239 7.80 -11.19 13.42
C GLU B 239 6.95 -10.21 12.62
N CYS B 240 6.56 -9.09 13.18
CA CYS B 240 5.88 -8.09 12.38
C CYS B 240 6.92 -7.30 11.59
N PRO B 241 6.77 -7.16 10.28
CA PRO B 241 7.77 -6.40 9.52
C PRO B 241 7.80 -4.96 9.99
N GLU B 242 9.00 -4.38 9.97
CA GLU B 242 9.15 -3.00 10.44
C GLU B 242 8.28 -2.04 9.63
N SER B 243 8.07 -2.34 8.35
CA SER B 243 7.24 -1.46 7.52
C SER B 243 5.80 -1.41 8.03
N LEU B 244 5.30 -2.51 8.58
CA LEU B 244 3.95 -2.48 9.16
C LEU B 244 3.95 -1.72 10.49
N HIS B 245 4.98 -1.89 11.31
CA HIS B 245 5.09 -1.11 12.53
C HIS B 245 5.26 0.37 12.24
N ASP B 246 5.94 0.72 11.15
CA ASP B 246 6.00 2.12 10.74
C ASP B 246 4.61 2.66 10.45
N LEU B 247 3.77 1.86 9.79
CA LEU B 247 2.40 2.24 9.53
C LEU B 247 1.68 2.57 10.83
N MET B 248 1.81 1.68 11.83
CA MET B 248 1.23 1.93 13.14
C MET B 248 1.71 3.24 13.73
N CYS B 249 3.02 3.50 13.65
CA CYS B 249 3.56 4.71 14.26
C CYS B 249 3.04 5.96 13.56
N GLN B 250 2.88 5.90 12.23
CA GLN B 250 2.20 6.99 11.53
C GLN B 250 0.78 7.17 12.05
N CYS B 251 0.08 6.06 12.29
CA CYS B 251 -1.28 6.14 12.84
C CYS B 251 -1.30 6.72 14.23
N TRP B 252 -0.18 6.65 14.96
CA TRP B 252 -0.10 7.15 16.33
C TRP B 252 0.64 8.48 16.44
N ARG B 253 0.75 9.21 15.34
CA ARG B 253 1.42 10.51 15.38
C ARG B 253 0.65 11.43 16.31
N LYS B 254 1.38 12.11 17.20
CA LYS B 254 0.73 12.93 18.22
C LYS B 254 -0.16 13.98 17.57
N ASP B 255 0.27 14.56 16.47
CA ASP B 255 -0.58 15.54 15.81
C ASP B 255 -1.59 14.83 14.93
N PRO B 256 -2.88 14.92 15.27
CA PRO B 256 -3.90 14.18 14.50
C PRO B 256 -3.85 14.41 13.00
N GLU B 257 -3.50 15.61 12.56
CA GLU B 257 -3.43 15.91 11.14
C GLU B 257 -2.24 15.25 10.46
N GLU B 258 -1.28 14.73 11.23
CA GLU B 258 -0.12 14.01 10.72
C GLU B 258 -0.43 12.55 10.34
N ARG B 259 -1.51 12.00 10.86
CA ARG B 259 -1.78 10.59 10.67
C ARG B 259 -2.39 10.34 9.29
N PRO B 260 -2.18 9.15 8.72
CA PRO B 260 -2.64 8.89 7.37
C PRO B 260 -4.16 8.87 7.25
N THR B 261 -4.63 9.02 6.02
CA THR B 261 -6.04 8.81 5.72
C THR B 261 -6.33 7.31 5.68
N PHE B 262 -7.60 6.97 5.90
CA PHE B 262 -8.01 5.59 5.67
C PHE B 262 -7.90 5.23 4.19
N GLU B 263 -8.01 6.23 3.32
CA GLU B 263 -7.79 5.99 1.89
C GLU B 263 -6.37 5.54 1.62
N TYR B 264 -5.40 6.19 2.26
CA TYR B 264 -4.01 5.73 2.15
C TYR B 264 -3.84 4.36 2.81
N LEU B 265 -4.42 4.17 3.98
CA LEU B 265 -4.25 2.91 4.71
C LEU B 265 -4.80 1.75 3.90
N GLN B 266 -5.96 1.94 3.27
CA GLN B 266 -6.55 0.88 2.45
C GLN B 266 -5.65 0.54 1.28
N ALA B 267 -5.17 1.55 0.56
CA ALA B 267 -4.28 1.32 -0.57
C ALA B 267 -2.97 0.67 -0.13
N PHE B 268 -2.34 1.21 0.91
CA PHE B 268 -1.09 0.65 1.40
C PHE B 268 -1.25 -0.83 1.76
N LEU B 269 -2.36 -1.19 2.41
CA LEU B 269 -2.53 -2.57 2.88
C LEU B 269 -2.95 -3.50 1.74
N GLU B 270 -3.76 -2.99 0.80
CA GLU B 270 -4.10 -3.80 -0.36
C GLU B 270 -2.87 -4.14 -1.18
N ASP B 271 -1.94 -3.19 -1.31
CA ASP B 271 -0.76 -3.37 -2.14
C ASP B 271 0.44 -3.92 -1.35
N TYR B 272 0.23 -4.29 -0.09
CA TYR B 272 1.35 -4.44 0.85
C TYR B 272 2.41 -5.40 0.33
N PHE B 273 2.00 -6.59 -0.09
CA PHE B 273 2.96 -7.63 -0.43
C PHE B 273 3.53 -7.49 -1.84
N THR B 274 3.10 -6.49 -2.61
CA THR B 274 3.82 -6.15 -3.84
C THR B 274 4.67 -4.89 -3.71
N SER B 275 4.12 -3.82 -3.14
CA SER B 275 4.77 -2.52 -3.11
C SER B 275 5.68 -2.36 -1.91
N THR B 276 5.32 -2.96 -0.78
CA THR B 276 6.09 -2.75 0.46
C THR B 276 6.91 -3.90 1.02
N GLU B 277 6.41 -5.13 0.95
CA GLU B 277 7.13 -6.28 1.48
C GLU B 277 7.04 -7.33 0.36
N PRO B 278 7.83 -7.18 -0.71
CA PRO B 278 7.75 -8.16 -1.79
C PRO B 278 8.57 -9.37 -1.42
N GLN B 279 9.59 -9.19 -0.56
CA GLN B 279 10.46 -10.26 -0.12
C GLN B 279 9.94 -10.97 1.13
N TYR B 280 8.66 -10.80 1.48
CA TYR B 280 8.13 -11.39 2.69
C TYR B 280 8.20 -12.92 2.62
N GLN B 281 8.55 -13.53 3.74
CA GLN B 281 8.53 -14.98 3.87
C GLN B 281 7.83 -15.35 5.16
N PRO B 282 6.99 -16.40 5.14
CA PRO B 282 6.26 -16.78 6.35
C PRO B 282 7.22 -17.19 7.46
N GLY B 283 6.81 -16.89 8.70
CA GLY B 283 7.59 -17.30 9.86
C GLY B 283 6.79 -18.25 10.73
N GLU B 284 7.14 -18.35 12.01
CA GLU B 284 6.44 -19.27 12.89
C GLU B 284 5.01 -18.76 13.06
N ASN B 285 4.83 -17.47 13.33
CA ASN B 285 3.53 -16.94 13.73
C ASN B 285 2.95 -15.87 12.81
N LEU B 286 3.79 -15.10 12.12
CA LEU B 286 3.31 -14.14 11.13
C LEU B 286 3.92 -14.44 9.76
#